data_3O5X
#
_entry.id   3O5X
#
_cell.length_a   39.544
_cell.length_b   75.829
_cell.length_c   48.214
_cell.angle_alpha   90.00
_cell.angle_beta   98.53
_cell.angle_gamma   90.00
#
_symmetry.space_group_name_H-M   'P 1 21 1'
#
loop_
_entity.id
_entity.type
_entity.pdbx_description
1 polymer 'Tyrosine-protein phosphatase non-receptor type 11'
2 non-polymer '3-{1-[3-(biphenyl-4-ylamino)-3-oxopropyl]-1H-1,2,3-triazol-4-yl}-6-hydroxy-1-methyl-2-phenyl-1H-indole-5-carboxylic acid'
3 water water
#
_entity_poly.entity_id   1
_entity_poly.type   'polypeptide(L)'
_entity_poly.pdbx_seq_one_letter_code
;MLYSRKEGQRQENKNKNRYKNILPFDHTRVVLHDGDPNEPVSDYINANIIMPEFETKCNNSKPKKSYIATQGCLQNTVND
FWRMVFQENSRVIVMTTKEVERGKSKCVKYWPDEYALKEYGVMRVRNVKESAAHDYTLRELKLSKVGQGNTERTVWQYHF
RTWPDHGVPSDPGGVLDFLEEVHHKQESIMDAGPVVVHCSAGIGRTGTFIVIDILIDIIREKGVDCDIDVPKTIQMVRSQ
RSGMVQTEAQYRFIYMAVQHYIETLQRRLEHHHHHH
;
_entity_poly.pdbx_strand_id   A
#
# COMPACT_ATOMS: atom_id res chain seq x y z
N LEU A 2 -12.46 -17.09 -13.78
CA LEU A 2 -11.09 -17.63 -13.50
C LEU A 2 -10.52 -17.02 -12.22
N TYR A 3 -11.09 -15.90 -11.79
CA TYR A 3 -10.64 -15.23 -10.58
C TYR A 3 -11.75 -15.15 -9.54
N SER A 4 -11.73 -16.07 -8.59
CA SER A 4 -12.72 -16.11 -7.53
C SER A 4 -12.31 -15.27 -6.32
N ARG A 5 -13.29 -14.97 -5.46
CA ARG A 5 -13.05 -14.19 -4.26
C ARG A 5 -13.92 -14.78 -3.15
N LYS A 6 -13.84 -16.09 -2.99
CA LYS A 6 -14.62 -16.81 -1.99
C LYS A 6 -14.21 -16.50 -0.55
N GLU A 7 -12.91 -16.49 -0.26
CA GLU A 7 -12.46 -16.23 1.09
C GLU A 7 -13.07 -14.94 1.65
N GLY A 8 -12.93 -13.85 0.90
CA GLY A 8 -13.47 -12.58 1.33
C GLY A 8 -14.98 -12.57 1.50
N GLN A 9 -15.64 -13.58 0.94
CA GLN A 9 -17.09 -13.69 1.03
C GLN A 9 -17.55 -14.58 2.19
N ARG A 10 -16.64 -15.35 2.76
CA ARG A 10 -16.99 -16.22 3.88
C ARG A 10 -17.57 -15.35 4.99
N GLN A 11 -18.56 -15.90 5.71
CA GLN A 11 -19.23 -15.17 6.78
C GLN A 11 -18.29 -14.69 7.87
N GLU A 12 -17.30 -15.51 8.21
CA GLU A 12 -16.36 -15.14 9.27
C GLU A 12 -15.52 -13.90 8.94
N ASN A 13 -15.34 -13.60 7.65
CA ASN A 13 -14.54 -12.45 7.24
C ASN A 13 -15.35 -11.23 6.84
N LYS A 14 -16.67 -11.30 7.02
CA LYS A 14 -17.58 -10.21 6.66
C LYS A 14 -17.16 -8.85 7.22
N ASN A 15 -16.83 -8.80 8.50
CA ASN A 15 -16.44 -7.55 9.13
C ASN A 15 -14.98 -7.19 8.89
N LYS A 16 -14.29 -7.98 8.08
CA LYS A 16 -12.89 -7.68 7.80
C LYS A 16 -12.73 -6.89 6.50
N ASN A 17 -13.87 -6.53 5.92
CA ASN A 17 -13.89 -5.76 4.67
C ASN A 17 -14.55 -4.41 4.91
N ARG A 18 -13.94 -3.32 4.45
CA ARG A 18 -14.55 -2.03 4.65
C ARG A 18 -15.79 -1.92 3.76
N TYR A 19 -15.71 -2.48 2.56
CA TYR A 19 -16.83 -2.46 1.61
C TYR A 19 -17.13 -3.90 1.19
N LYS A 20 -18.29 -4.40 1.59
CA LYS A 20 -18.69 -5.77 1.29
C LYS A 20 -18.52 -6.21 -0.16
N ASN A 21 -18.51 -5.25 -1.07
CA ASN A 21 -18.38 -5.53 -2.50
C ASN A 21 -16.95 -5.52 -3.06
N ILE A 22 -16.00 -5.04 -2.28
CA ILE A 22 -14.61 -4.97 -2.74
C ILE A 22 -13.81 -6.04 -1.98
N LEU A 23 -13.52 -7.13 -2.67
CA LEU A 23 -12.79 -8.24 -2.07
C LEU A 23 -11.58 -8.66 -2.90
N PRO A 24 -10.61 -9.34 -2.26
CA PRO A 24 -9.40 -9.81 -2.95
C PRO A 24 -9.55 -11.14 -3.65
N PHE A 25 -8.90 -11.29 -4.81
CA PHE A 25 -8.93 -12.54 -5.55
C PHE A 25 -8.20 -13.58 -4.71
N ASP A 26 -8.73 -14.80 -4.66
CA ASP A 26 -8.10 -15.85 -3.87
C ASP A 26 -6.67 -16.18 -4.29
N HIS A 27 -6.43 -16.24 -5.61
CA HIS A 27 -5.10 -16.60 -6.09
C HIS A 27 -3.99 -15.59 -5.77
N THR A 28 -4.36 -14.35 -5.49
CA THR A 28 -3.36 -13.32 -5.18
C THR A 28 -3.48 -12.75 -3.78
N ARG A 29 -4.56 -13.11 -3.06
CA ARG A 29 -4.76 -12.57 -1.71
C ARG A 29 -3.58 -12.90 -0.80
N VAL A 30 -3.32 -12.02 0.16
CA VAL A 30 -2.25 -12.26 1.09
C VAL A 30 -2.85 -13.14 2.17
N VAL A 31 -2.33 -14.35 2.29
CA VAL A 31 -2.85 -15.28 3.29
C VAL A 31 -1.98 -15.15 4.54
N LEU A 32 -2.60 -14.80 5.66
CA LEU A 32 -1.88 -14.64 6.92
C LEU A 32 -1.77 -15.97 7.66
N HIS A 33 -0.54 -16.30 8.06
CA HIS A 33 -0.31 -17.53 8.80
C HIS A 33 -0.13 -17.14 10.25
N ASP A 34 0.07 -18.15 11.09
CA ASP A 34 0.28 -17.96 12.52
C ASP A 34 -0.61 -16.96 13.25
N GLY A 35 -1.92 -17.14 13.13
CA GLY A 35 -2.84 -16.24 13.82
C GLY A 35 -3.34 -16.83 15.13
N ASP A 36 -4.20 -16.09 15.82
CA ASP A 36 -4.79 -16.55 17.08
C ASP A 36 -5.58 -17.83 16.81
N PRO A 37 -5.18 -18.94 17.44
CA PRO A 37 -5.89 -20.21 17.23
C PRO A 37 -7.35 -20.16 17.70
N ASN A 38 -7.65 -19.19 18.55
CA ASN A 38 -9.02 -19.04 19.09
C ASN A 38 -9.99 -18.39 18.10
N GLU A 39 -9.46 -17.84 17.01
CA GLU A 39 -10.28 -17.19 16.00
C GLU A 39 -10.73 -18.19 14.94
N PRO A 40 -12.02 -18.20 14.59
CA PRO A 40 -12.53 -19.12 13.58
C PRO A 40 -11.61 -19.07 12.36
N VAL A 41 -11.42 -17.86 11.85
CA VAL A 41 -10.55 -17.63 10.71
C VAL A 41 -9.62 -16.47 11.06
N SER A 42 -8.34 -16.65 10.74
CA SER A 42 -7.35 -15.62 11.03
C SER A 42 -6.32 -15.50 9.91
N ASP A 43 -6.59 -16.14 8.78
CA ASP A 43 -5.65 -16.11 7.66
C ASP A 43 -6.07 -15.10 6.60
N TYR A 44 -7.08 -14.30 6.91
CA TYR A 44 -7.59 -13.34 5.96
C TYR A 44 -7.37 -11.86 6.25
N ILE A 45 -7.08 -11.14 5.17
CA ILE A 45 -6.94 -9.71 5.21
C ILE A 45 -7.25 -9.24 3.79
N ASN A 46 -8.00 -8.16 3.69
CA ASN A 46 -8.35 -7.66 2.37
C ASN A 46 -7.12 -7.02 1.73
N ALA A 47 -6.23 -7.87 1.23
CA ALA A 47 -4.99 -7.43 0.60
C ALA A 47 -4.57 -8.40 -0.51
N ASN A 48 -3.95 -7.88 -1.56
CA ASN A 48 -3.49 -8.69 -2.68
C ASN A 48 -2.06 -8.36 -3.06
N ILE A 49 -1.30 -9.39 -3.41
CA ILE A 49 0.08 -9.18 -3.84
C ILE A 49 -0.03 -8.68 -5.28
N ILE A 50 0.79 -7.69 -5.64
CA ILE A 50 0.78 -7.16 -7.00
C ILE A 50 2.22 -7.22 -7.52
N MET A 51 2.40 -7.93 -8.62
CA MET A 51 3.71 -8.06 -9.24
C MET A 51 3.63 -7.58 -10.69
N PRO A 52 4.58 -6.73 -11.12
CA PRO A 52 4.62 -6.19 -12.47
C PRO A 52 4.67 -7.29 -13.54
N LYS A 64 11.85 -8.03 -9.63
CA LYS A 64 11.85 -8.51 -8.25
C LYS A 64 11.20 -7.52 -7.27
N LYS A 65 10.50 -6.51 -7.80
CA LYS A 65 9.83 -5.54 -6.95
C LYS A 65 8.32 -5.72 -7.03
N SER A 66 7.71 -6.02 -5.88
CA SER A 66 6.27 -6.23 -5.82
C SER A 66 5.59 -5.28 -4.84
N TYR A 67 4.27 -5.38 -4.78
CA TYR A 67 3.48 -4.50 -3.91
C TYR A 67 2.36 -5.27 -3.23
N ILE A 68 1.83 -4.69 -2.17
CA ILE A 68 0.69 -5.25 -1.49
C ILE A 68 -0.35 -4.13 -1.52
N ALA A 69 -1.42 -4.36 -2.27
CA ALA A 69 -2.49 -3.37 -2.35
C ALA A 69 -3.50 -3.80 -1.31
N THR A 70 -3.80 -2.90 -0.36
CA THR A 70 -4.73 -3.23 0.70
C THR A 70 -5.60 -2.03 1.09
N GLN A 71 -6.63 -2.30 1.89
CA GLN A 71 -7.53 -1.24 2.33
C GLN A 71 -6.95 -0.62 3.59
N GLY A 72 -7.50 0.52 3.98
CA GLY A 72 -7.05 1.14 5.21
C GLY A 72 -7.55 0.26 6.32
N CYS A 73 -6.83 0.23 7.43
CA CYS A 73 -7.21 -0.61 8.55
C CYS A 73 -8.59 -0.25 9.11
N LEU A 74 -9.25 -1.27 9.63
CA LEU A 74 -10.53 -1.14 10.30
C LEU A 74 -10.07 -1.36 11.74
N GLN A 75 -10.86 -0.93 12.71
CA GLN A 75 -10.48 -1.10 14.11
C GLN A 75 -10.20 -2.57 14.42
N ASN A 76 -10.94 -3.47 13.78
CA ASN A 76 -10.75 -4.89 14.04
C ASN A 76 -9.73 -5.59 13.14
N THR A 77 -9.07 -4.85 12.25
CA THR A 77 -8.07 -5.49 11.38
C THR A 77 -6.67 -4.93 11.55
N VAL A 78 -6.52 -3.98 12.47
CA VAL A 78 -5.21 -3.39 12.71
C VAL A 78 -4.19 -4.47 13.02
N ASN A 79 -4.54 -5.37 13.92
CA ASN A 79 -3.61 -6.45 14.26
C ASN A 79 -3.26 -7.29 13.04
N ASP A 80 -4.25 -7.57 12.19
CA ASP A 80 -4.01 -8.36 10.98
C ASP A 80 -3.08 -7.59 10.03
N PHE A 81 -3.22 -6.27 10.02
CA PHE A 81 -2.38 -5.44 9.15
C PHE A 81 -0.92 -5.64 9.52
N TRP A 82 -0.61 -5.52 10.81
CA TRP A 82 0.76 -5.70 11.27
C TRP A 82 1.26 -7.12 11.08
N ARG A 83 0.37 -8.10 11.19
CA ARG A 83 0.78 -9.48 10.98
C ARG A 83 1.23 -9.60 9.53
N MET A 84 0.48 -8.96 8.62
CA MET A 84 0.82 -8.99 7.21
C MET A 84 2.14 -8.30 6.94
N VAL A 85 2.29 -7.09 7.45
CA VAL A 85 3.52 -6.33 7.24
C VAL A 85 4.71 -7.15 7.71
N PHE A 86 4.57 -7.79 8.86
CA PHE A 86 5.64 -8.61 9.42
C PHE A 86 5.91 -9.87 8.61
N GLN A 87 4.83 -10.56 8.24
CA GLN A 87 4.93 -11.79 7.46
C GLN A 87 5.61 -11.58 6.11
N GLU A 88 5.14 -10.60 5.36
CA GLU A 88 5.69 -10.31 4.04
C GLU A 88 7.05 -9.61 4.07
N ASN A 89 7.50 -9.25 5.27
CA ASN A 89 8.79 -8.58 5.43
C ASN A 89 8.81 -7.21 4.76
N SER A 90 7.65 -6.57 4.69
CA SER A 90 7.55 -5.25 4.09
C SER A 90 8.25 -4.24 5.00
N ARG A 91 9.02 -3.35 4.41
CA ARG A 91 9.75 -2.33 5.16
C ARG A 91 9.27 -0.94 4.80
N VAL A 92 8.40 -0.87 3.80
CA VAL A 92 7.89 0.42 3.34
C VAL A 92 6.38 0.39 3.14
N ILE A 93 5.71 1.35 3.78
CA ILE A 93 4.26 1.47 3.67
C ILE A 93 3.89 2.81 3.05
N VAL A 94 3.06 2.77 2.03
CA VAL A 94 2.61 3.96 1.38
C VAL A 94 1.14 4.16 1.74
N MET A 95 0.86 5.15 2.57
CA MET A 95 -0.51 5.46 2.97
C MET A 95 -0.86 6.64 2.09
N THR A 96 -1.87 6.48 1.24
CA THR A 96 -2.24 7.52 0.29
C THR A 96 -3.42 8.41 0.67
N THR A 97 -3.98 8.21 1.86
CA THR A 97 -5.12 9.01 2.28
C THR A 97 -4.93 9.50 3.71
N LYS A 98 -5.76 10.44 4.12
CA LYS A 98 -5.73 10.94 5.50
C LYS A 98 -6.52 9.86 6.22
N GLU A 99 -6.55 9.89 7.55
CA GLU A 99 -7.31 8.88 8.28
C GLU A 99 -8.79 9.10 8.00
N VAL A 100 -9.16 10.37 7.85
CA VAL A 100 -10.54 10.75 7.59
C VAL A 100 -10.56 11.79 6.48
N GLU A 101 -11.37 11.55 5.45
CA GLU A 101 -11.48 12.49 4.35
C GLU A 101 -12.95 12.79 4.10
N ARG A 102 -13.30 14.08 4.10
CA ARG A 102 -14.69 14.48 3.89
C ARG A 102 -15.60 13.78 4.90
N GLY A 103 -15.17 13.73 6.15
CA GLY A 103 -15.96 13.10 7.20
C GLY A 103 -16.12 11.61 7.14
N LYS A 104 -15.41 10.95 6.23
CA LYS A 104 -15.47 9.50 6.11
C LYS A 104 -14.15 8.86 6.52
N SER A 105 -14.24 7.84 7.37
CA SER A 105 -13.04 7.14 7.83
C SER A 105 -12.46 6.30 6.69
N LYS A 106 -11.18 6.48 6.41
CA LYS A 106 -10.54 5.74 5.32
C LYS A 106 -9.44 4.82 5.82
N CYS A 107 -9.18 4.92 7.12
CA CYS A 107 -8.16 4.11 7.75
C CYS A 107 -8.08 4.46 9.22
N VAL A 108 -8.17 3.45 10.08
CA VAL A 108 -8.05 3.70 11.50
C VAL A 108 -6.55 3.88 11.72
N LYS A 109 -6.16 4.72 12.68
CA LYS A 109 -4.75 4.94 12.96
C LYS A 109 -4.13 3.63 13.46
N TYR A 110 -3.18 3.09 12.69
CA TYR A 110 -2.54 1.81 13.03
C TYR A 110 -1.09 1.94 13.51
N TRP A 111 -0.68 3.16 13.79
CA TRP A 111 0.65 3.45 14.27
C TRP A 111 0.54 4.24 15.57
N PRO A 112 1.55 4.13 16.44
CA PRO A 112 1.53 4.86 17.72
C PRO A 112 1.96 6.31 17.57
N ASP A 113 1.60 7.15 18.54
CA ASP A 113 1.97 8.56 18.51
C ASP A 113 3.49 8.64 18.48
N GLU A 114 4.02 9.79 18.04
CA GLU A 114 5.48 9.93 17.99
C GLU A 114 6.10 9.63 19.34
N TYR A 115 7.19 8.87 19.30
CA TYR A 115 7.93 8.46 20.49
C TYR A 115 7.19 7.48 21.39
N ALA A 116 5.99 7.07 20.97
CA ALA A 116 5.20 6.13 21.75
C ALA A 116 5.29 4.71 21.17
N LEU A 117 4.93 3.73 21.98
CA LEU A 117 4.96 2.35 21.50
C LEU A 117 3.64 1.68 21.86
N LYS A 118 3.12 0.88 20.95
CA LYS A 118 1.87 0.20 21.22
C LYS A 118 2.00 -1.24 20.75
N GLU A 119 1.27 -2.14 21.40
CA GLU A 119 1.30 -3.54 21.02
C GLU A 119 0.00 -3.90 20.34
N TYR A 120 0.11 -4.36 19.09
CA TYR A 120 -1.04 -4.75 18.29
C TYR A 120 -1.03 -6.26 18.25
N GLY A 121 -1.83 -6.87 19.12
CA GLY A 121 -1.84 -8.32 19.18
C GLY A 121 -0.46 -8.70 19.68
N VAL A 122 0.22 -9.56 18.93
CA VAL A 122 1.54 -9.99 19.32
C VAL A 122 2.63 -9.14 18.66
N MET A 123 2.20 -8.09 17.97
CA MET A 123 3.16 -7.22 17.29
C MET A 123 3.41 -5.92 18.05
N ARG A 124 4.69 -5.63 18.28
CA ARG A 124 5.08 -4.42 18.99
C ARG A 124 5.54 -3.38 17.96
N VAL A 125 5.00 -2.17 18.06
CA VAL A 125 5.38 -1.10 17.14
C VAL A 125 5.79 0.15 17.90
N ARG A 126 7.00 0.62 17.62
CA ARG A 126 7.51 1.82 18.27
C ARG A 126 7.71 2.91 17.22
N ASN A 127 7.07 4.06 17.42
CA ASN A 127 7.22 5.17 16.51
C ASN A 127 8.50 5.88 16.98
N VAL A 128 9.59 5.70 16.25
CA VAL A 128 10.85 6.30 16.66
C VAL A 128 11.07 7.72 16.19
N LYS A 129 10.41 8.09 15.09
CA LYS A 129 10.61 9.44 14.57
C LYS A 129 9.68 9.78 13.43
N GLU A 130 9.09 10.97 13.51
CA GLU A 130 8.20 11.46 12.47
C GLU A 130 8.88 12.68 11.85
N SER A 131 8.89 12.74 10.53
CA SER A 131 9.51 13.87 9.83
C SER A 131 8.59 14.36 8.72
N ALA A 132 8.55 15.68 8.56
CA ALA A 132 7.70 16.27 7.55
C ALA A 132 8.49 16.62 6.30
N ALA A 133 7.89 16.32 5.16
CA ALA A 133 8.47 16.59 3.86
C ALA A 133 7.38 17.37 3.14
N HIS A 134 7.61 17.75 1.90
CA HIS A 134 6.62 18.53 1.17
C HIS A 134 5.21 17.98 1.24
N ASP A 135 4.90 17.02 0.37
CA ASP A 135 3.57 16.43 0.30
C ASP A 135 3.39 15.22 1.19
N TYR A 136 4.27 15.05 2.18
CA TYR A 136 4.14 13.86 3.00
C TYR A 136 4.85 13.86 4.35
N THR A 137 4.38 12.95 5.20
CA THR A 137 4.95 12.74 6.50
C THR A 137 5.61 11.36 6.45
N LEU A 138 6.79 11.25 7.02
CA LEU A 138 7.48 9.98 7.06
C LEU A 138 7.55 9.56 8.50
N ARG A 139 7.09 8.35 8.78
CA ARG A 139 7.15 7.84 10.15
C ARG A 139 8.05 6.62 10.16
N GLU A 140 9.14 6.72 10.90
CA GLU A 140 10.07 5.62 11.02
C GLU A 140 9.52 4.77 12.16
N LEU A 141 9.09 3.56 11.84
CA LEU A 141 8.53 2.68 12.85
C LEU A 141 9.39 1.44 13.06
N LYS A 142 9.36 0.93 14.28
CA LYS A 142 10.11 -0.26 14.63
C LYS A 142 9.08 -1.33 14.92
N LEU A 143 9.10 -2.38 14.11
CA LEU A 143 8.17 -3.49 14.26
C LEU A 143 8.91 -4.73 14.73
N SER A 144 8.33 -5.43 15.68
CA SER A 144 8.94 -6.64 16.20
C SER A 144 7.83 -7.54 16.74
N LYS A 145 8.16 -8.82 16.92
CA LYS A 145 7.21 -9.78 17.46
C LYS A 145 7.51 -9.97 18.94
N VAL A 146 6.50 -9.74 19.77
CA VAL A 146 6.62 -9.84 21.22
C VAL A 146 7.19 -11.17 21.72
N GLY A 147 6.76 -12.27 21.11
CA GLY A 147 7.21 -13.59 21.54
C GLY A 147 8.63 -13.99 21.16
N GLN A 148 9.22 -13.28 20.21
CA GLN A 148 10.57 -13.61 19.77
C GLN A 148 11.60 -12.58 20.21
N GLY A 149 12.83 -12.71 19.72
CA GLY A 149 13.88 -11.79 20.11
C GLY A 149 14.65 -11.12 18.99
N ASN A 150 14.79 -11.80 17.85
CA ASN A 150 15.51 -11.25 16.71
C ASN A 150 14.58 -11.07 15.51
N THR A 151 13.53 -10.27 15.70
CA THR A 151 12.56 -10.05 14.65
C THR A 151 12.33 -8.58 14.33
N GLU A 152 12.94 -7.70 15.10
CA GLU A 152 12.76 -6.27 14.89
C GLU A 152 13.31 -5.74 13.57
N ARG A 153 12.53 -4.89 12.92
CA ARG A 153 12.93 -4.27 11.66
C ARG A 153 12.25 -2.92 11.56
N THR A 154 12.88 -2.01 10.84
CA THR A 154 12.32 -0.68 10.66
C THR A 154 11.33 -0.71 9.52
N VAL A 155 10.18 -0.07 9.72
CA VAL A 155 9.19 -0.01 8.68
C VAL A 155 9.01 1.48 8.47
N TRP A 156 9.23 1.92 7.23
CA TRP A 156 9.10 3.32 6.92
C TRP A 156 7.72 3.59 6.38
N GLN A 157 6.95 4.41 7.09
CA GLN A 157 5.61 4.72 6.63
C GLN A 157 5.60 6.08 5.96
N TYR A 158 5.31 6.08 4.67
CA TYR A 158 5.24 7.32 3.91
C TYR A 158 3.77 7.68 3.80
N HIS A 159 3.39 8.73 4.52
CA HIS A 159 2.03 9.18 4.54
C HIS A 159 1.86 10.38 3.61
N PHE A 160 1.26 10.13 2.46
CA PHE A 160 1.00 11.16 1.47
C PHE A 160 -0.25 11.84 2.02
N ARG A 161 -0.15 13.11 2.38
CA ARG A 161 -1.30 13.79 2.96
C ARG A 161 -1.92 14.93 2.12
N THR A 162 -1.35 15.22 0.96
CA THR A 162 -1.86 16.31 0.15
C THR A 162 -2.81 15.93 -0.98
N TRP A 163 -3.19 14.66 -1.07
CA TRP A 163 -4.11 14.27 -2.12
C TRP A 163 -5.38 15.07 -1.87
N PRO A 164 -5.91 15.74 -2.89
CA PRO A 164 -7.12 16.54 -2.74
C PRO A 164 -8.37 15.80 -2.29
N ASP A 165 -9.23 16.49 -1.57
CA ASP A 165 -10.49 15.91 -1.09
C ASP A 165 -11.31 15.42 -2.27
N HIS A 166 -11.23 16.16 -3.39
CA HIS A 166 -11.98 15.82 -4.59
C HIS A 166 -11.02 15.62 -5.76
N GLY A 167 -11.30 14.63 -6.60
CA GLY A 167 -10.46 14.37 -7.76
C GLY A 167 -9.05 13.92 -7.46
N VAL A 168 -8.14 14.27 -8.35
CA VAL A 168 -6.74 13.90 -8.21
C VAL A 168 -5.86 15.15 -8.25
N PRO A 169 -4.56 15.01 -7.95
CA PRO A 169 -3.70 16.19 -8.00
C PRO A 169 -3.64 16.71 -9.43
N SER A 170 -3.65 18.03 -9.61
CA SER A 170 -3.58 18.63 -10.93
C SER A 170 -2.20 18.46 -11.56
N ASP A 171 -1.17 18.43 -10.72
CA ASP A 171 0.21 18.25 -11.20
C ASP A 171 0.74 16.97 -10.54
N PRO A 172 1.38 16.09 -11.32
CA PRO A 172 1.92 14.84 -10.79
C PRO A 172 3.26 14.96 -10.06
N GLY A 173 3.85 16.15 -10.09
CA GLY A 173 5.13 16.36 -9.43
C GLY A 173 5.28 15.83 -8.01
N GLY A 174 4.31 16.13 -7.15
CA GLY A 174 4.35 15.69 -5.77
C GLY A 174 4.36 14.19 -5.57
N VAL A 175 3.56 13.48 -6.36
CA VAL A 175 3.48 12.03 -6.28
C VAL A 175 4.77 11.42 -6.82
N LEU A 176 5.29 11.98 -7.90
CA LEU A 176 6.52 11.48 -8.50
C LEU A 176 7.73 11.67 -7.58
N ASP A 177 7.83 12.82 -6.92
CA ASP A 177 8.95 13.05 -6.01
C ASP A 177 8.76 12.10 -4.83
N PHE A 178 7.51 11.96 -4.40
CA PHE A 178 7.17 11.07 -3.30
C PHE A 178 7.60 9.66 -3.68
N LEU A 179 7.17 9.19 -4.85
CA LEU A 179 7.52 7.85 -5.28
C LEU A 179 9.03 7.68 -5.48
N GLU A 180 9.72 8.75 -5.85
CA GLU A 180 11.16 8.67 -6.03
C GLU A 180 11.81 8.39 -4.68
N GLU A 181 11.33 9.06 -3.63
CA GLU A 181 11.85 8.85 -2.29
C GLU A 181 11.55 7.42 -1.85
N VAL A 182 10.30 7.01 -2.05
CA VAL A 182 9.90 5.66 -1.69
C VAL A 182 10.79 4.65 -2.40
N HIS A 183 11.03 4.90 -3.69
CA HIS A 183 11.87 4.04 -4.51
C HIS A 183 13.28 3.91 -3.90
N HIS A 184 13.90 5.06 -3.60
CA HIS A 184 15.22 5.08 -3.01
C HIS A 184 15.26 4.36 -1.66
N LYS A 185 14.24 4.55 -0.84
CA LYS A 185 14.16 3.91 0.47
C LYS A 185 14.06 2.39 0.35
N GLN A 186 13.18 1.93 -0.53
CA GLN A 186 13.00 0.50 -0.76
C GLN A 186 14.34 -0.14 -1.18
N GLU A 187 15.03 0.49 -2.13
CA GLU A 187 16.32 -0.06 -2.62
C GLU A 187 17.49 0.09 -1.65
N SER A 188 17.32 0.87 -0.59
CA SER A 188 18.39 1.06 0.38
C SER A 188 18.31 0.00 1.48
N ILE A 189 17.26 -0.82 1.43
CA ILE A 189 17.06 -1.86 2.41
C ILE A 189 17.25 -3.21 1.75
N MET A 190 18.19 -3.99 2.26
CA MET A 190 18.49 -5.31 1.70
C MET A 190 17.34 -6.29 1.67
N ASP A 191 16.91 -6.65 0.47
CA ASP A 191 15.84 -7.62 0.28
C ASP A 191 14.54 -7.29 1.01
N ALA A 192 14.16 -6.02 1.01
CA ALA A 192 12.91 -5.61 1.63
C ALA A 192 11.76 -6.30 0.90
N GLY A 193 10.70 -6.63 1.63
CA GLY A 193 9.57 -7.28 1.01
C GLY A 193 8.76 -6.30 0.18
N PRO A 194 7.57 -6.71 -0.27
CA PRO A 194 6.65 -5.90 -1.07
C PRO A 194 6.35 -4.57 -0.39
N VAL A 195 6.21 -3.52 -1.19
CA VAL A 195 5.89 -2.21 -0.66
C VAL A 195 4.36 -2.21 -0.45
N VAL A 196 3.93 -2.01 0.79
CA VAL A 196 2.49 -1.99 1.09
C VAL A 196 1.93 -0.63 0.69
N VAL A 197 0.84 -0.64 -0.06
CA VAL A 197 0.20 0.58 -0.49
C VAL A 197 -1.28 0.49 -0.16
N HIS A 198 -1.83 1.51 0.50
CA HIS A 198 -3.24 1.44 0.83
C HIS A 198 -3.98 2.74 0.78
N CYS A 199 -5.29 2.62 0.56
CA CYS A 199 -6.20 3.75 0.53
C CYS A 199 -7.47 3.23 1.19
N SER A 200 -8.58 3.91 0.98
CA SER A 200 -9.84 3.49 1.57
C SER A 200 -10.17 2.02 1.29
N ALA A 201 -10.35 1.71 0.01
CA ALA A 201 -10.71 0.37 -0.42
C ALA A 201 -9.50 -0.39 -0.96
N GLY A 202 -8.42 0.32 -1.22
CA GLY A 202 -7.23 -0.33 -1.72
C GLY A 202 -7.22 -0.63 -3.22
N ILE A 203 -8.00 0.12 -4.00
CA ILE A 203 -8.00 -0.11 -5.44
C ILE A 203 -7.89 1.14 -6.29
N GLY A 204 -8.56 2.22 -5.90
CA GLY A 204 -8.51 3.45 -6.68
C GLY A 204 -7.17 4.17 -6.58
N ARG A 205 -7.00 4.91 -5.50
CA ARG A 205 -5.77 5.65 -5.28
C ARG A 205 -4.60 4.67 -5.24
N THR A 206 -4.79 3.56 -4.53
CA THR A 206 -3.76 2.55 -4.43
C THR A 206 -3.33 2.03 -5.80
N GLY A 207 -4.31 1.78 -6.66
CA GLY A 207 -4.00 1.31 -8.00
C GLY A 207 -3.21 2.35 -8.78
N THR A 208 -3.58 3.62 -8.59
CA THR A 208 -2.93 4.73 -9.28
C THR A 208 -1.44 4.85 -8.94
N PHE A 209 -1.13 4.77 -7.65
CA PHE A 209 0.27 4.88 -7.22
C PHE A 209 1.11 3.70 -7.71
N ILE A 210 0.53 2.51 -7.64
CA ILE A 210 1.22 1.31 -8.08
C ILE A 210 1.46 1.28 -9.59
N VAL A 211 0.42 1.58 -10.36
CA VAL A 211 0.59 1.59 -11.81
C VAL A 211 1.69 2.58 -12.20
N ILE A 212 1.65 3.77 -11.59
CA ILE A 212 2.65 4.80 -11.87
C ILE A 212 4.03 4.28 -11.50
N ASP A 213 4.16 3.73 -10.30
CA ASP A 213 5.45 3.21 -9.85
C ASP A 213 5.98 2.16 -10.83
N ILE A 214 5.10 1.27 -11.29
CA ILE A 214 5.49 0.22 -12.24
C ILE A 214 6.02 0.79 -13.55
N LEU A 215 5.30 1.76 -14.10
CA LEU A 215 5.70 2.40 -15.36
C LEU A 215 7.02 3.15 -15.23
N ILE A 216 7.19 3.90 -14.15
CA ILE A 216 8.41 4.64 -13.91
C ILE A 216 9.61 3.70 -13.85
N ASP A 217 9.44 2.57 -13.17
CA ASP A 217 10.52 1.60 -13.07
C ASP A 217 10.95 1.09 -14.44
N ILE A 218 9.98 0.83 -15.31
CA ILE A 218 10.28 0.35 -16.65
C ILE A 218 11.12 1.39 -17.39
N ILE A 219 10.76 2.65 -17.22
CA ILE A 219 11.48 3.75 -17.85
C ILE A 219 12.90 3.86 -17.28
N ARG A 220 13.08 3.47 -16.02
CA ARG A 220 14.40 3.54 -15.40
C ARG A 220 15.33 2.45 -15.92
N GLU A 221 14.76 1.41 -16.53
CA GLU A 221 15.58 0.31 -17.04
C GLU A 221 15.61 0.24 -18.56
N LYS A 222 14.71 0.94 -19.23
CA LYS A 222 14.68 0.89 -20.68
C LYS A 222 14.84 2.24 -21.38
N GLY A 223 14.91 3.32 -20.60
CA GLY A 223 15.08 4.64 -21.20
C GLY A 223 13.79 5.35 -21.56
N VAL A 224 13.88 6.67 -21.72
CA VAL A 224 12.73 7.51 -22.05
C VAL A 224 12.04 7.20 -23.38
N ASP A 225 12.57 6.23 -24.12
CA ASP A 225 11.98 5.90 -25.42
C ASP A 225 11.39 4.50 -25.48
N CYS A 226 11.40 3.79 -24.37
CA CYS A 226 10.84 2.44 -24.34
C CYS A 226 9.35 2.52 -24.56
N ASP A 227 8.73 1.41 -24.93
CA ASP A 227 7.30 1.41 -25.17
C ASP A 227 6.53 1.40 -23.86
N ILE A 228 5.53 2.27 -23.76
CA ILE A 228 4.71 2.36 -22.55
C ILE A 228 3.25 2.13 -22.88
N ASP A 229 2.69 1.06 -22.33
CA ASP A 229 1.28 0.71 -22.57
C ASP A 229 0.49 0.75 -21.26
N VAL A 230 -0.03 1.92 -20.92
CA VAL A 230 -0.79 2.10 -19.69
C VAL A 230 -1.97 1.15 -19.56
N PRO A 231 -2.88 1.14 -20.56
CA PRO A 231 -4.05 0.25 -20.50
C PRO A 231 -3.64 -1.19 -20.25
N LYS A 232 -2.54 -1.62 -20.87
CA LYS A 232 -2.06 -2.98 -20.71
C LYS A 232 -1.62 -3.21 -19.27
N THR A 233 -0.84 -2.28 -18.73
CA THR A 233 -0.36 -2.39 -17.35
C THR A 233 -1.52 -2.40 -16.37
N ILE A 234 -2.51 -1.54 -16.60
CA ILE A 234 -3.66 -1.49 -15.71
C ILE A 234 -4.44 -2.80 -15.72
N GLN A 235 -4.60 -3.40 -16.90
CA GLN A 235 -5.35 -4.64 -16.97
C GLN A 235 -4.53 -5.73 -16.28
N MET A 236 -3.21 -5.59 -16.32
CA MET A 236 -2.31 -6.54 -15.69
C MET A 236 -2.44 -6.50 -14.15
N VAL A 237 -2.50 -5.30 -13.56
CA VAL A 237 -2.65 -5.20 -12.11
C VAL A 237 -4.06 -5.60 -11.72
N ARG A 238 -5.01 -5.38 -12.61
CA ARG A 238 -6.40 -5.72 -12.34
C ARG A 238 -6.65 -7.22 -12.30
N SER A 239 -5.75 -8.00 -12.89
CA SER A 239 -5.92 -9.44 -12.87
C SER A 239 -5.40 -9.97 -11.54
N GLN A 240 -4.98 -9.07 -10.66
CA GLN A 240 -4.45 -9.45 -9.36
C GLN A 240 -5.28 -8.85 -8.21
N ARG A 241 -6.00 -7.78 -8.51
CA ARG A 241 -6.91 -7.13 -7.57
C ARG A 241 -7.84 -6.35 -8.47
N SER A 242 -9.12 -6.67 -8.41
CA SER A 242 -10.13 -6.05 -9.25
C SER A 242 -10.38 -4.57 -8.97
N GLY A 243 -10.66 -3.82 -10.03
CA GLY A 243 -10.95 -2.41 -9.90
C GLY A 243 -9.77 -1.45 -9.76
N MET A 244 -8.53 -1.95 -9.70
CA MET A 244 -7.37 -1.06 -9.57
C MET A 244 -7.50 0.08 -10.58
N VAL A 245 -7.48 1.31 -10.08
CA VAL A 245 -7.66 2.56 -10.84
C VAL A 245 -9.14 2.65 -11.15
N GLN A 246 -9.86 3.40 -10.31
CA GLN A 246 -11.31 3.54 -10.40
C GLN A 246 -11.91 4.66 -11.20
N THR A 247 -11.18 5.74 -11.41
CA THR A 247 -11.75 6.88 -12.13
C THR A 247 -11.00 7.33 -13.38
N GLU A 248 -11.70 8.10 -14.21
CA GLU A 248 -11.11 8.63 -15.43
C GLU A 248 -9.95 9.55 -15.06
N ALA A 249 -10.16 10.35 -14.03
CA ALA A 249 -9.14 11.28 -13.56
C ALA A 249 -7.87 10.55 -13.13
N GLN A 250 -8.03 9.45 -12.41
CA GLN A 250 -6.89 8.66 -11.96
C GLN A 250 -6.18 8.11 -13.18
N TYR A 251 -6.97 7.57 -14.11
CA TYR A 251 -6.44 7.01 -15.35
C TYR A 251 -5.57 8.06 -16.04
N ARG A 252 -6.09 9.28 -16.16
CA ARG A 252 -5.34 10.33 -16.82
C ARG A 252 -4.15 10.81 -16.00
N PHE A 253 -4.27 10.77 -14.68
CA PHE A 253 -3.19 11.18 -13.80
C PHE A 253 -1.97 10.33 -14.10
N ILE A 254 -2.22 9.03 -14.29
CA ILE A 254 -1.15 8.09 -14.59
C ILE A 254 -0.40 8.51 -15.87
N TYR A 255 -1.16 8.79 -16.93
CA TYR A 255 -0.55 9.20 -18.19
C TYR A 255 0.31 10.45 -17.96
N MET A 256 -0.24 11.43 -17.27
CA MET A 256 0.48 12.66 -16.99
C MET A 256 1.75 12.40 -16.16
N ALA A 257 1.66 11.50 -15.19
CA ALA A 257 2.81 11.20 -14.34
C ALA A 257 3.97 10.63 -15.15
N VAL A 258 3.68 9.63 -15.98
CA VAL A 258 4.71 9.00 -16.81
C VAL A 258 5.42 10.03 -17.67
N GLN A 259 4.64 10.81 -18.40
CA GLN A 259 5.20 11.82 -19.28
C GLN A 259 6.05 12.82 -18.51
N HIS A 260 5.49 13.31 -17.39
CA HIS A 260 6.18 14.27 -16.54
C HIS A 260 7.52 13.70 -16.12
N TYR A 261 7.53 12.40 -15.83
CA TYR A 261 8.76 11.74 -15.42
C TYR A 261 9.73 11.73 -16.60
N ILE A 262 9.24 11.28 -17.75
CA ILE A 262 10.07 11.22 -18.96
C ILE A 262 10.68 12.59 -19.23
N GLU A 263 9.84 13.62 -19.20
CA GLU A 263 10.29 14.97 -19.45
C GLU A 263 11.31 15.45 -18.43
N THR A 264 11.23 14.93 -17.21
CA THR A 264 12.19 15.31 -16.18
C THR A 264 13.53 14.67 -16.49
N LEU A 265 13.52 13.41 -16.91
CA LEU A 265 14.77 12.72 -17.25
C LEU A 265 15.46 13.40 -18.42
N GLN A 266 14.68 13.82 -19.41
CA GLN A 266 15.23 14.49 -20.58
C GLN A 266 15.91 15.79 -20.16
N ARG A 267 16.26 15.87 -18.87
CA ARG A 267 16.90 17.05 -18.29
C ARG A 267 15.91 18.20 -18.19
#